data_7HBT
#
_entry.id   7HBT
#
_cell.length_a   65.960
_cell.length_b   89.390
_cell.length_c   100.160
_cell.angle_alpha   90.000
_cell.angle_beta   90.000
_cell.angle_gamma   90.000
#
_symmetry.space_group_name_H-M   'I 2 2 2'
#
loop_
_entity.id
_entity.type
_entity.pdbx_description
1 polymer 'Heat shock protein HSP 90-alpha'
2 non-polymer '[3-(4-methylphenyl)-1H-pyrazol-1-yl]acetic acid'
3 water water
#
_entity_poly.entity_id   1
_entity_poly.type   'polypeptide(L)'
_entity_poly.pdbx_seq_one_letter_code
;MDQPMEEEEVETFAFQAEIAQLMSLIINTFYSNKEIFLRELISNSSDALDKIRYESLTDPSKLDSGKELHINLIPNKQDR
TLTIVDTGIGMTKADLINNLGTIAKSGTKAFMEALQAGADISMIGQFGVGFYSAYLVAEKVTVITKHNDDEQYAWESSAG
GSFTVRTDTGEPMGRGTKVILHLKEDQTEYLEERRIKEIVKKHSQFIGYPITLFVEKERDKEVSDDEAELEHHHHHH
;
_entity_poly.pdbx_strand_id   A
#
loop_
_chem_comp.id
_chem_comp.type
_chem_comp.name
_chem_comp.formula
A1AXR non-polymer '[3-(4-methylphenyl)-1H-pyrazol-1-yl]acetic acid' 'C12 H12 N2 O2'
#
# COMPACT_ATOMS: atom_id res chain seq x y z
N GLU A 9 -20.34 -10.66 -9.00
CA GLU A 9 -20.79 -9.31 -9.27
C GLU A 9 -19.63 -8.35 -9.02
N VAL A 10 -19.08 -7.79 -10.10
CA VAL A 10 -17.88 -6.97 -10.07
C VAL A 10 -18.25 -5.56 -10.49
N GLU A 11 -17.89 -4.57 -9.67
CA GLU A 11 -18.10 -3.17 -10.00
C GLU A 11 -16.78 -2.57 -10.45
N THR A 12 -16.83 -1.82 -11.55
CA THR A 12 -15.66 -1.18 -12.13
C THR A 12 -15.81 0.33 -11.99
N PHE A 13 -14.76 0.98 -11.48
CA PHE A 13 -14.76 2.41 -11.20
C PHE A 13 -13.59 3.06 -11.92
N ALA A 14 -13.76 4.34 -12.28
CA ALA A 14 -12.66 5.14 -12.79
C ALA A 14 -11.93 5.78 -11.63
N PHE A 15 -10.59 5.74 -11.65
CA PHE A 15 -9.84 6.59 -10.75
C PHE A 15 -10.15 8.05 -11.02
N GLN A 16 -10.16 8.85 -9.96
CA GLN A 16 -10.13 10.29 -10.16
C GLN A 16 -8.92 10.63 -11.01
N ALA A 17 -9.04 11.69 -11.81
CA ALA A 17 -7.99 12.01 -12.78
C ALA A 17 -6.64 12.23 -12.11
N GLU A 18 -6.63 12.88 -10.94
CA GLU A 18 -5.38 13.14 -10.25
C GLU A 18 -4.69 11.85 -9.81
N ILE A 19 -5.47 10.83 -9.41
CA ILE A 19 -4.90 9.56 -9.00
C ILE A 19 -4.38 8.78 -10.20
N ALA A 20 -5.12 8.80 -11.31
CA ALA A 20 -4.62 8.20 -12.53
C ALA A 20 -3.30 8.85 -12.94
N GLN A 21 -3.20 10.17 -12.76
CA GLN A 21 -1.94 10.85 -13.09
C GLN A 21 -0.82 10.42 -12.17
N LEU A 22 -1.10 10.31 -10.87
CA LEU A 22 -0.09 9.79 -9.93
C LEU A 22 0.40 8.41 -10.37
N MET A 23 -0.52 7.52 -10.70
CA MET A 23 -0.14 6.15 -11.03
C MET A 23 0.70 6.12 -12.30
N SER A 24 0.32 6.92 -13.31
CA SER A 24 1.13 6.95 -14.54
C SER A 24 2.53 7.50 -14.28
N LEU A 25 2.65 8.48 -13.40
N LEU A 25 2.65 8.51 -13.41
CA LEU A 25 3.99 8.98 -13.07
CA LEU A 25 3.97 9.01 -13.03
C LEU A 25 4.81 7.89 -12.41
C LEU A 25 4.81 7.91 -12.39
N ILE A 26 4.21 7.15 -11.48
CA ILE A 26 4.95 6.08 -10.79
C ILE A 26 5.39 5.02 -11.79
N ILE A 27 4.52 4.69 -12.76
CA ILE A 27 4.85 3.64 -13.71
C ILE A 27 5.84 4.09 -14.77
N ASN A 28 5.81 5.37 -15.16
CA ASN A 28 6.54 5.81 -16.34
C ASN A 28 7.84 6.53 -16.02
N THR A 29 8.00 7.09 -14.83
CA THR A 29 9.22 7.84 -14.52
C THR A 29 10.39 6.88 -14.34
N PHE A 30 11.53 7.23 -14.93
CA PHE A 30 12.74 6.46 -14.67
C PHE A 30 13.22 6.75 -13.25
N TYR A 31 13.27 5.71 -12.43
CA TYR A 31 13.57 5.88 -11.02
C TYR A 31 14.02 4.53 -10.47
N SER A 32 15.31 4.42 -10.16
CA SER A 32 15.90 3.11 -9.89
C SER A 32 15.60 2.59 -8.49
N ASN A 33 15.32 3.46 -7.53
CA ASN A 33 15.22 3.09 -6.12
C ASN A 33 13.83 2.54 -5.79
N LYS A 34 13.48 1.44 -6.47
CA LYS A 34 12.12 0.90 -6.38
C LYS A 34 11.84 0.23 -5.04
N GLU A 35 12.87 -0.17 -4.30
CA GLU A 35 12.67 -1.00 -3.11
C GLU A 35 11.85 -0.30 -2.04
N ILE A 36 11.71 1.03 -2.12
CA ILE A 36 10.96 1.76 -1.11
C ILE A 36 9.48 1.37 -1.09
N PHE A 37 8.96 0.70 -2.14
CA PHE A 37 7.58 0.26 -2.07
C PHE A 37 7.32 -0.55 -0.80
N LEU A 38 8.30 -1.36 -0.39
CA LEU A 38 8.03 -2.26 0.71
C LEU A 38 7.97 -1.49 2.01
N ARG A 39 8.85 -0.48 2.17
CA ARG A 39 8.79 0.38 3.33
C ARG A 39 7.45 1.07 3.42
N GLU A 40 6.93 1.53 2.28
CA GLU A 40 5.68 2.27 2.30
C GLU A 40 4.51 1.36 2.68
N LEU A 41 4.49 0.13 2.16
CA LEU A 41 3.39 -0.77 2.48
C LEU A 41 3.48 -1.23 3.94
N ILE A 42 4.68 -1.50 4.44
CA ILE A 42 4.84 -1.86 5.84
C ILE A 42 4.42 -0.69 6.74
N SER A 43 4.76 0.54 6.35
CA SER A 43 4.34 1.70 7.12
C SER A 43 2.81 1.81 7.13
N ASN A 44 2.16 1.58 5.98
CA ASN A 44 0.70 1.60 5.98
C ASN A 44 0.13 0.53 6.89
N SER A 45 0.72 -0.67 6.89
CA SER A 45 0.25 -1.72 7.79
C SER A 45 0.41 -1.31 9.23
N SER A 46 1.56 -0.72 9.59
CA SER A 46 1.77 -0.27 10.96
C SER A 46 0.71 0.75 11.36
N ASP A 47 0.39 1.68 10.44
CA ASP A 47 -0.63 2.68 10.75
C ASP A 47 -1.99 2.03 10.98
N ALA A 48 -2.32 1.00 10.18
CA ALA A 48 -3.60 0.31 10.34
C ALA A 48 -3.66 -0.48 11.66
N LEU A 49 -2.52 -1.06 12.05
CA LEU A 49 -2.42 -1.77 13.32
C LEU A 49 -2.54 -0.80 14.48
N ASP A 50 -1.92 0.38 14.38
CA ASP A 50 -2.07 1.39 15.43
C ASP A 50 -3.53 1.75 15.62
N LYS A 51 -4.29 1.86 14.53
CA LYS A 51 -5.69 2.28 14.61
C LYS A 51 -6.54 1.26 15.36
N ILE A 52 -6.40 -0.03 15.06
CA ILE A 52 -7.17 -1.04 15.78
C ILE A 52 -6.71 -1.15 17.21
N ARG A 53 -5.40 -1.02 17.46
CA ARG A 53 -4.93 -1.02 18.83
C ARG A 53 -5.58 0.11 19.63
N TYR A 54 -5.61 1.31 19.06
CA TYR A 54 -6.19 2.44 19.80
C TYR A 54 -7.67 2.18 20.11
N GLU A 55 -8.43 1.71 19.12
CA GLU A 55 -9.85 1.42 19.36
C GLU A 55 -10.03 0.37 20.45
N SER A 56 -9.14 -0.62 20.49
CA SER A 56 -9.26 -1.69 21.49
C SER A 56 -8.98 -1.22 22.91
N LEU A 57 -8.32 -0.07 23.09
CA LEU A 57 -7.99 0.40 24.43
C LEU A 57 -9.24 0.76 25.21
N THR A 58 -10.31 1.17 24.53
CA THR A 58 -11.56 1.48 25.20
C THR A 58 -12.66 0.49 24.91
N ASP A 59 -12.43 -0.46 24.01
CA ASP A 59 -13.44 -1.44 23.64
C ASP A 59 -12.69 -2.74 23.28
N PRO A 60 -12.43 -3.62 24.25
CA PRO A 60 -11.71 -4.85 23.94
C PRO A 60 -12.38 -5.71 22.89
N SER A 61 -13.70 -5.62 22.72
CA SER A 61 -14.39 -6.44 21.75
C SER A 61 -13.98 -6.13 20.32
N LYS A 62 -13.29 -5.00 20.09
CA LYS A 62 -12.76 -4.71 18.76
C LYS A 62 -11.77 -5.76 18.29
N LEU A 63 -11.17 -6.51 19.21
CA LEU A 63 -10.23 -7.57 18.86
C LEU A 63 -10.87 -8.94 18.83
N ASP A 64 -12.20 -9.02 18.87
CA ASP A 64 -12.83 -10.33 18.81
C ASP A 64 -12.57 -10.99 17.48
N SER A 65 -12.28 -10.20 16.45
CA SER A 65 -11.94 -10.66 15.12
C SER A 65 -10.47 -11.03 14.98
N GLY A 66 -9.72 -11.03 16.08
CA GLY A 66 -8.32 -11.41 16.06
C GLY A 66 -7.50 -10.57 17.01
N LYS A 67 -6.86 -11.21 18.00
CA LYS A 67 -6.09 -10.46 18.99
C LYS A 67 -4.66 -10.15 18.54
N GLU A 68 -4.11 -10.92 17.62
CA GLU A 68 -2.71 -10.76 17.23
C GLU A 68 -2.57 -9.59 16.28
N LEU A 69 -1.60 -8.73 16.55
CA LEU A 69 -1.30 -7.54 15.74
C LEU A 69 0.06 -7.77 15.09
N HIS A 70 0.08 -8.05 13.80
CA HIS A 70 1.31 -8.46 13.15
C HIS A 70 1.27 -8.16 11.66
N ILE A 71 2.44 -8.30 11.03
CA ILE A 71 2.67 -8.12 9.62
C ILE A 71 3.40 -9.35 9.08
N ASN A 72 2.86 -9.96 8.03
CA ASN A 72 3.49 -11.10 7.39
C ASN A 72 3.86 -10.75 5.96
N LEU A 73 5.04 -11.17 5.52
CA LEU A 73 5.51 -10.98 4.16
C LEU A 73 5.60 -12.37 3.51
N ILE A 74 4.85 -12.58 2.45
CA ILE A 74 4.68 -13.91 1.87
C ILE A 74 5.07 -13.87 0.40
N PRO A 75 6.29 -14.28 0.06
CA PRO A 75 6.67 -14.40 -1.34
C PRO A 75 6.20 -15.72 -1.91
N ASN A 76 5.84 -15.71 -3.19
CA ASN A 76 5.42 -16.92 -3.88
C ASN A 76 6.00 -16.86 -5.29
N LYS A 77 7.06 -17.62 -5.54
CA LYS A 77 7.72 -17.56 -6.84
C LYS A 77 6.91 -18.22 -7.94
N GLN A 78 6.07 -19.20 -7.60
CA GLN A 78 5.27 -19.86 -8.64
C GLN A 78 4.21 -18.91 -9.20
N ASP A 79 3.57 -18.15 -8.32
CA ASP A 79 2.56 -17.18 -8.71
C ASP A 79 3.18 -15.83 -9.07
N ARG A 80 4.47 -15.65 -8.81
CA ARG A 80 5.17 -14.36 -8.95
C ARG A 80 4.46 -13.25 -8.18
N THR A 81 4.16 -13.53 -6.91
CA THR A 81 3.48 -12.57 -6.05
C THR A 81 4.24 -12.36 -4.75
N LEU A 82 4.20 -11.13 -4.26
CA LEU A 82 4.61 -10.81 -2.90
C LEU A 82 3.39 -10.26 -2.18
N THR A 83 3.01 -10.89 -1.09
CA THR A 83 1.83 -10.50 -0.34
C THR A 83 2.25 -9.91 1.00
N ILE A 84 1.70 -8.75 1.34
CA ILE A 84 1.90 -8.11 2.63
C ILE A 84 0.59 -8.20 3.39
N VAL A 85 0.59 -8.92 4.49
CA VAL A 85 -0.62 -9.17 5.28
C VAL A 85 -0.48 -8.46 6.61
N ASP A 86 -1.51 -7.74 7.01
CA ASP A 86 -1.54 -7.21 8.36
C ASP A 86 -2.90 -7.48 8.99
N THR A 87 -2.94 -7.46 10.31
CA THR A 87 -4.17 -7.63 11.07
C THR A 87 -4.65 -6.31 11.66
N GLY A 88 -4.47 -5.24 10.90
CA GLY A 88 -4.90 -3.93 11.35
C GLY A 88 -6.40 -3.72 11.21
N ILE A 89 -6.79 -2.44 11.22
CA ILE A 89 -8.21 -2.10 11.26
C ILE A 89 -8.96 -2.50 10.00
N GLY A 90 -8.26 -2.68 8.88
CA GLY A 90 -8.95 -2.99 7.65
C GLY A 90 -9.64 -1.77 7.05
N MET A 91 -10.37 -2.04 5.98
CA MET A 91 -11.08 -1.02 5.21
C MET A 91 -12.49 -1.46 4.89
N THR A 92 -13.42 -0.54 5.01
CA THR A 92 -14.77 -0.77 4.54
C THR A 92 -14.80 -0.67 3.02
N LYS A 93 -15.92 -1.09 2.42
CA LYS A 93 -16.09 -0.91 0.98
C LYS A 93 -15.94 0.56 0.60
N ALA A 94 -16.54 1.45 1.39
CA ALA A 94 -16.45 2.87 1.10
C ALA A 94 -15.01 3.35 1.17
N ASP A 95 -14.22 2.85 2.13
CA ASP A 95 -12.80 3.21 2.21
C ASP A 95 -12.07 2.77 0.94
N LEU A 96 -12.31 1.53 0.50
CA LEU A 96 -11.64 1.06 -0.70
C LEU A 96 -11.91 1.99 -1.86
N ILE A 97 -13.18 2.33 -2.07
CA ILE A 97 -13.55 3.17 -3.20
C ILE A 97 -12.94 4.56 -3.07
N ASN A 98 -12.89 5.08 -1.86
CA ASN A 98 -12.33 6.40 -1.58
C ASN A 98 -10.81 6.30 -1.41
N ASN A 99 -10.19 5.77 -2.46
CA ASN A 99 -8.73 5.72 -2.59
C ASN A 99 -8.04 4.99 -1.43
N LEU A 100 -8.61 3.83 -1.08
CA LEU A 100 -8.02 2.97 -0.05
C LEU A 100 -7.77 3.73 1.26
N GLY A 101 -8.75 4.54 1.65
CA GLY A 101 -8.70 5.23 2.92
C GLY A 101 -7.76 6.40 3.00
N THR A 102 -7.33 6.95 1.87
CA THR A 102 -6.39 8.06 1.81
C THR A 102 -7.08 9.32 1.33
N ILE A 103 -6.44 10.46 1.61
CA ILE A 103 -6.83 11.71 0.98
C ILE A 103 -5.99 11.93 -0.27
N ALA A 104 -6.17 11.02 -1.23
CA ALA A 104 -5.21 10.92 -2.32
C ALA A 104 -5.24 12.13 -3.24
N LYS A 105 -6.39 12.80 -3.40
CA LYS A 105 -6.38 13.94 -4.30
C LYS A 105 -5.50 15.06 -3.76
N SER A 106 -5.67 15.45 -2.50
N SER A 106 -5.73 15.48 -2.51
CA SER A 106 -4.79 16.49 -1.98
CA SER A 106 -4.94 16.53 -1.89
C SER A 106 -3.36 15.99 -1.85
C SER A 106 -3.55 16.03 -1.53
N GLY A 107 -3.17 14.73 -1.46
N GLY A 107 -3.44 14.77 -1.14
CA GLY A 107 -1.81 14.21 -1.34
CA GLY A 107 -2.12 14.19 -0.93
C GLY A 107 -1.08 14.20 -2.66
C GLY A 107 -1.25 14.28 -2.16
N THR A 108 -1.76 13.83 -3.74
N THR A 108 -1.78 13.84 -3.31
CA THR A 108 -1.12 13.85 -5.05
CA THR A 108 -1.04 13.94 -4.56
C THR A 108 -0.73 15.27 -5.44
C THR A 108 -0.66 15.39 -4.87
N LYS A 109 -1.62 16.22 -5.21
N LYS A 109 -1.59 16.32 -4.63
CA LYS A 109 -1.31 17.61 -5.56
CA LYS A 109 -1.30 17.73 -4.83
C LYS A 109 0.01 18.03 -4.92
C LYS A 109 -0.14 18.20 -3.96
N ALA A 110 0.14 17.77 -3.62
N ALA A 110 -0.19 17.90 -2.66
CA ALA A 110 1.36 18.16 -2.91
CA ALA A 110 0.90 18.27 -1.77
C ALA A 110 2.57 17.39 -3.43
C ALA A 110 2.21 17.63 -2.24
N PHE A 111 2.42 16.08 -3.62
N PHE A 111 2.14 16.37 -2.65
CA PHE A 111 3.56 15.27 -4.06
CA PHE A 111 3.32 15.68 -3.14
C PHE A 111 4.11 15.78 -5.38
C PHE A 111 3.93 16.43 -4.32
N MET A 112 3.22 16.11 -6.32
N MET A 112 3.10 16.86 -5.26
CA MET A 112 3.72 16.49 -7.64
CA MET A 112 3.58 17.56 -6.45
C MET A 112 4.38 17.87 -7.62
C MET A 112 4.21 18.91 -6.12
N GLU A 113 3.91 18.76 -6.75
N GLU A 113 3.53 19.71 -5.29
CA GLU A 113 4.61 20.03 -6.54
CA GLU A 113 4.12 20.99 -4.90
C GLU A 113 6.00 19.80 -5.96
C GLU A 113 5.44 20.75 -4.17
N ALA A 114 6.11 18.88 -4.99
N ALA A 114 5.50 19.65 -3.43
CA ALA A 114 7.41 18.60 -4.38
CA ALA A 114 6.70 19.22 -2.73
C ALA A 114 8.38 18.02 -5.39
C ALA A 114 7.83 18.96 -3.70
N LEU A 115 7.90 17.17 -6.31
N LEU A 115 7.53 18.28 -4.81
CA LEU A 115 8.76 16.57 -7.32
CA LEU A 115 8.52 18.00 -5.82
C LEU A 115 9.33 17.64 -8.25
C LEU A 115 8.98 19.27 -6.52
N GLN A 116 8.52 18.65 -8.60
N GLN A 116 8.14 20.31 -6.53
CA GLN A 116 9.04 19.73 -9.42
CA GLN A 116 8.61 21.59 -7.06
C GLN A 116 9.89 20.69 -8.60
C GLN A 116 9.25 22.47 -5.98
N ALA A 117 9.66 20.75 -7.28
N ALA A 117 8.99 22.18 -4.71
CA ALA A 117 10.47 21.56 -6.37
CA ALA A 117 9.68 22.83 -3.60
C ALA A 117 11.53 20.72 -5.65
C ALA A 117 10.95 22.09 -3.19
N GLY A 118 12.14 19.76 -6.35
N GLY A 118 11.36 21.05 -3.91
CA GLY A 118 13.31 19.09 -5.82
CA GLY A 118 12.61 20.38 -3.66
C GLY A 118 13.17 17.63 -5.40
C GLY A 118 12.50 19.05 -2.96
N ALA A 119 12.01 17.25 -4.86
N ALA A 119 11.31 18.45 -2.91
CA ALA A 119 11.85 15.96 -4.22
CA ALA A 119 11.16 17.18 -2.24
C ALA A 119 11.95 14.81 -5.22
C ALA A 119 11.90 16.06 -2.97
N ASP A 120 12.03 13.59 -4.69
N ASP A 120 11.97 14.92 -2.30
CA ASP A 120 12.04 12.39 -5.51
CA ASP A 120 12.51 13.72 -2.90
C ASP A 120 10.95 11.43 -5.05
C ASP A 120 11.31 12.85 -3.27
N ILE A 121 10.75 10.38 -5.86
N ILE A 121 11.46 12.05 -4.32
CA ILE A 121 9.65 9.44 -5.64
CA ILE A 121 10.37 11.16 -4.69
C ILE A 121 9.72 8.76 -4.28
C ILE A 121 10.04 10.21 -3.54
N SER A 122 10.92 8.57 -3.73
N SER A 122 11.06 9.69 -2.87
CA SER A 122 11.03 7.89 -2.45
CA SER A 122 10.84 8.76 -1.77
C SER A 122 10.30 8.62 -1.33
C SER A 122 10.11 9.39 -0.59
N MET A 123 9.96 9.89 -1.54
N MET A 123 9.79 10.67 -0.67
CA MET A 123 9.34 10.73 -0.52
CA MET A 123 8.94 11.31 0.32
C MET A 123 7.81 10.62 -0.52
C MET A 123 7.48 10.95 0.09
N ILE A 124 7.26 9.69 -1.29
N ILE A 124 7.18 10.25 -1.01
CA ILE A 124 5.82 9.58 -1.53
CA ILE A 124 5.81 9.92 -1.37
C ILE A 124 5.02 9.45 -0.22
C ILE A 124 5.02 9.59 -0.10
N GLY A 125 5.58 8.75 0.77
CA GLY A 125 4.86 8.47 1.99
C GLY A 125 4.57 9.70 2.83
N GLN A 126 5.38 10.75 2.65
N GLN A 126 5.38 10.75 2.69
CA GLN A 126 5.16 12.01 3.33
CA GLN A 126 5.11 11.91 3.54
C GLN A 126 3.93 12.72 2.81
C GLN A 126 3.76 12.53 3.23
N PHE A 127 3.33 12.22 1.73
N PHE A 127 3.24 12.32 2.02
CA PHE A 127 2.14 12.81 1.13
CA PHE A 127 2.03 12.99 1.57
C PHE A 127 0.92 11.92 1.26
C PHE A 127 0.83 12.06 1.54
N GLY A 128 0.98 10.86 2.07
CA GLY A 128 -0.16 10.03 2.37
C GLY A 128 -0.61 9.12 1.26
N VAL A 129 0.19 8.95 0.21
CA VAL A 129 -0.21 8.18 -0.96
C VAL A 129 0.84 7.09 -1.22
N GLY A 130 1.52 6.64 -0.18
CA GLY A 130 2.55 5.62 -0.34
C GLY A 130 2.06 4.30 -0.91
N PHE A 131 0.77 3.97 -0.72
CA PHE A 131 0.25 2.73 -1.29
C PHE A 131 0.57 2.62 -2.77
N TYR A 132 0.45 3.72 -3.50
CA TYR A 132 0.57 3.65 -4.95
C TYR A 132 1.99 3.37 -5.41
N SER A 133 2.99 3.47 -4.52
CA SER A 133 4.35 3.02 -4.83
C SER A 133 4.39 1.53 -5.14
N ALA A 134 3.35 0.77 -4.81
CA ALA A 134 3.29 -0.63 -5.23
C ALA A 134 3.51 -0.78 -6.72
N TYR A 135 3.07 0.22 -7.52
CA TYR A 135 3.16 0.13 -8.97
C TYR A 135 4.57 0.38 -9.48
N LEU A 136 5.53 0.65 -8.59
CA LEU A 136 6.94 0.62 -8.98
C LEU A 136 7.35 -0.79 -9.36
N VAL A 137 6.74 -1.80 -8.74
CA VAL A 137 7.19 -3.18 -8.93
C VAL A 137 6.09 -4.11 -9.40
N ALA A 138 4.82 -3.74 -9.29
CA ALA A 138 3.71 -4.64 -9.58
C ALA A 138 2.99 -4.18 -10.85
N GLU A 139 2.67 -5.15 -11.72
CA GLU A 139 1.81 -4.86 -12.85
C GLU A 139 0.34 -4.87 -12.47
N LYS A 140 -0.01 -5.57 -11.40
CA LYS A 140 -1.37 -5.61 -10.89
C LYS A 140 -1.28 -5.70 -9.39
N VAL A 141 -2.18 -5.03 -8.70
CA VAL A 141 -2.27 -5.09 -7.25
C VAL A 141 -3.68 -5.52 -6.87
N THR A 142 -3.79 -6.52 -5.99
CA THR A 142 -5.05 -6.94 -5.41
C THR A 142 -5.02 -6.66 -3.92
N VAL A 143 -6.06 -6.02 -3.40
CA VAL A 143 -6.16 -5.71 -1.98
C VAL A 143 -7.38 -6.42 -1.43
N ILE A 144 -7.17 -7.35 -0.50
CA ILE A 144 -8.24 -8.04 0.20
C ILE A 144 -8.33 -7.44 1.59
N THR A 145 -9.53 -7.12 2.05
CA THR A 145 -9.64 -6.38 3.30
C THR A 145 -10.92 -6.74 4.03
N LYS A 146 -10.85 -6.65 5.36
CA LYS A 146 -11.98 -6.93 6.24
C LYS A 146 -11.90 -5.98 7.41
N HIS A 147 -12.91 -5.14 7.54
CA HIS A 147 -13.08 -4.21 8.65
C HIS A 147 -14.19 -4.74 9.54
N ASN A 148 -14.07 -4.52 10.84
CA ASN A 148 -15.11 -4.98 11.77
C ASN A 148 -16.52 -4.58 11.35
N ASP A 149 -16.67 -3.44 10.69
CA ASP A 149 -18.00 -2.89 10.39
C ASP A 149 -18.49 -3.24 8.99
N ASP A 150 -17.80 -4.10 8.25
CA ASP A 150 -18.20 -4.40 6.87
C ASP A 150 -17.83 -5.85 6.55
N GLU A 151 -18.18 -6.29 5.34
CA GLU A 151 -17.83 -7.60 4.84
C GLU A 151 -16.46 -7.59 4.19
N GLN A 152 -15.99 -8.75 3.78
CA GLN A 152 -14.68 -8.88 3.15
C GLN A 152 -14.76 -8.54 1.66
N TYR A 153 -13.88 -7.66 1.20
CA TYR A 153 -13.90 -7.18 -0.17
C TYR A 153 -12.54 -7.34 -0.81
N ALA A 154 -12.53 -7.45 -2.15
CA ALA A 154 -11.32 -7.43 -2.96
C ALA A 154 -11.36 -6.24 -3.90
N TRP A 155 -10.35 -5.39 -3.82
CA TRP A 155 -10.06 -4.31 -4.75
C TRP A 155 -8.95 -4.78 -5.68
N GLU A 156 -8.98 -4.35 -6.93
CA GLU A 156 -7.90 -4.75 -7.83
C GLU A 156 -7.72 -3.69 -8.90
N SER A 157 -6.48 -3.49 -9.32
CA SER A 157 -6.22 -2.59 -10.44
C SER A 157 -4.90 -2.95 -11.11
N SER A 158 -4.91 -2.94 -12.44
CA SER A 158 -3.70 -2.96 -13.26
C SER A 158 -3.37 -1.58 -13.81
N ALA A 159 -3.81 -0.53 -13.11
CA ALA A 159 -3.68 0.84 -13.57
C ALA A 159 -4.53 1.03 -14.83
N GLY A 160 -4.11 1.84 -15.78
CA GLY A 160 -4.96 2.03 -16.94
C GLY A 160 -6.25 2.76 -16.67
N GLY A 161 -6.39 3.38 -15.51
CA GLY A 161 -7.47 4.30 -15.24
C GLY A 161 -8.65 3.73 -14.50
N SER A 162 -8.66 2.44 -14.16
CA SER A 162 -9.82 1.86 -13.50
C SER A 162 -9.39 0.87 -12.44
N PHE A 163 -10.33 0.60 -11.54
CA PHE A 163 -10.18 -0.42 -10.51
C PHE A 163 -11.50 -1.13 -10.35
N THR A 164 -11.45 -2.34 -9.81
CA THR A 164 -12.66 -3.10 -9.52
C THR A 164 -12.79 -3.37 -8.04
N VAL A 165 -14.03 -3.54 -7.59
CA VAL A 165 -14.35 -3.96 -6.24
C VAL A 165 -15.39 -5.07 -6.32
N ARG A 166 -15.19 -6.12 -5.55
CA ARG A 166 -16.15 -7.20 -5.46
C ARG A 166 -16.12 -7.75 -4.05
N THR A 167 -17.23 -8.35 -3.64
CA THR A 167 -17.22 -9.15 -2.41
C THR A 167 -16.26 -10.32 -2.62
N ASP A 168 -15.46 -10.60 -1.59
CA ASP A 168 -14.45 -11.64 -1.71
C ASP A 168 -14.99 -12.94 -1.15
N THR A 169 -15.01 -13.97 -1.98
CA THR A 169 -15.41 -15.31 -1.58
C THR A 169 -14.24 -16.17 -1.14
N GLY A 170 -13.02 -15.64 -1.21
CA GLY A 170 -11.83 -16.38 -0.84
C GLY A 170 -11.72 -16.68 0.64
N GLU A 171 -10.52 -17.05 1.06
CA GLU A 171 -10.27 -17.47 2.43
C GLU A 171 -10.60 -16.33 3.40
N PRO A 172 -11.51 -16.55 4.35
CA PRO A 172 -11.87 -15.46 5.29
C PRO A 172 -10.66 -15.00 6.10
N MET A 173 -10.59 -13.69 6.36
CA MET A 173 -9.41 -13.05 6.94
C MET A 173 -9.53 -12.69 8.41
N GLY A 174 -10.72 -12.60 8.97
CA GLY A 174 -10.86 -12.17 10.34
C GLY A 174 -10.95 -10.66 10.45
N ARG A 175 -9.82 -9.98 10.21
CA ARG A 175 -9.73 -8.53 10.20
C ARG A 175 -8.38 -8.16 9.65
N GLY A 176 -8.32 -7.13 8.81
CA GLY A 176 -7.07 -6.57 8.35
C GLY A 176 -7.04 -6.42 6.85
N THR A 177 -5.83 -6.38 6.31
CA THR A 177 -5.64 -6.10 4.89
C THR A 177 -4.52 -6.96 4.35
N LYS A 178 -4.72 -7.46 3.14
CA LYS A 178 -3.72 -8.22 2.42
C LYS A 178 -3.48 -7.50 1.09
N VAL A 179 -2.24 -7.08 0.84
CA VAL A 179 -1.87 -6.43 -0.43
C VAL A 179 -1.08 -7.46 -1.23
N ILE A 180 -1.64 -7.88 -2.36
CA ILE A 180 -1.03 -8.88 -3.22
C ILE A 180 -0.40 -8.16 -4.39
N LEU A 181 0.92 -8.22 -4.49
CA LEU A 181 1.64 -7.58 -5.57
C LEU A 181 1.95 -8.62 -6.64
N HIS A 182 1.33 -8.46 -7.81
CA HIS A 182 1.63 -9.31 -8.96
C HIS A 182 2.82 -8.66 -9.67
N LEU A 183 4.01 -9.19 -9.42
CA LEU A 183 5.24 -8.48 -9.79
C LEU A 183 5.47 -8.46 -11.29
N LYS A 184 6.04 -7.35 -11.75
CA LYS A 184 6.56 -7.28 -13.11
C LYS A 184 7.65 -8.31 -13.32
N GLU A 185 7.80 -8.74 -14.57
CA GLU A 185 8.72 -9.84 -14.91
C GLU A 185 10.14 -9.53 -14.46
N ASP A 186 10.56 -8.28 -14.53
CA ASP A 186 11.93 -7.90 -14.22
C ASP A 186 12.12 -7.48 -12.76
N GLN A 187 11.12 -7.70 -11.91
CA GLN A 187 11.18 -7.27 -10.52
C GLN A 187 11.12 -8.46 -9.56
N THR A 188 11.53 -9.64 -10.01
CA THR A 188 11.43 -10.83 -9.16
C THR A 188 12.47 -10.88 -8.05
N GLU A 189 13.42 -9.95 -8.01
CA GLU A 189 14.33 -9.93 -6.87
C GLU A 189 13.58 -9.73 -5.55
N TYR A 190 12.39 -9.14 -5.61
CA TYR A 190 11.61 -8.89 -4.39
C TYR A 190 10.90 -10.13 -3.89
N LEU A 191 11.13 -11.29 -4.51
CA LEU A 191 10.70 -12.57 -3.99
C LEU A 191 11.83 -13.31 -3.30
N GLU A 192 13.05 -12.80 -3.36
CA GLU A 192 14.20 -13.51 -2.79
C GLU A 192 14.35 -13.15 -1.32
N GLU A 193 14.51 -14.18 -0.48
CA GLU A 193 14.57 -13.98 0.97
C GLU A 193 15.65 -12.96 1.34
N ARG A 194 16.85 -13.09 0.78
CA ARG A 194 17.92 -12.20 1.23
C ARG A 194 17.64 -10.76 0.84
N ARG A 195 16.96 -10.54 -0.29
CA ARG A 195 16.65 -9.18 -0.72
C ARG A 195 15.57 -8.58 0.18
N ILE A 196 14.53 -9.34 0.49
CA ILE A 196 13.48 -8.84 1.36
C ILE A 196 14.05 -8.52 2.75
N LYS A 197 14.87 -9.44 3.28
CA LYS A 197 15.47 -9.21 4.60
C LYS A 197 16.28 -7.92 4.60
N GLU A 198 17.05 -7.69 3.54
CA GLU A 198 17.87 -6.49 3.45
C GLU A 198 17.00 -5.25 3.49
N ILE A 199 15.90 -5.25 2.75
CA ILE A 199 15.03 -4.08 2.67
C ILE A 199 14.36 -3.82 4.01
N VAL A 200 13.86 -4.87 4.67
CA VAL A 200 13.23 -4.71 5.97
C VAL A 200 14.21 -4.15 6.99
N LYS A 201 15.43 -4.68 7.00
CA LYS A 201 16.44 -4.19 7.95
C LYS A 201 16.81 -2.74 7.66
N LYS A 202 16.90 -2.37 6.39
CA LYS A 202 17.31 -1.02 6.01
C LYS A 202 16.25 0.02 6.35
N HIS A 203 14.98 -0.28 6.09
CA HIS A 203 13.93 0.74 6.08
C HIS A 203 12.85 0.56 7.14
N SER A 204 12.74 -0.61 7.75
CA SER A 204 11.60 -0.90 8.61
C SER A 204 12.06 -1.37 9.98
N GLN A 205 13.26 -0.98 10.38
CA GLN A 205 13.83 -1.56 11.59
C GLN A 205 13.10 -1.09 12.83
N PHE A 206 12.29 -0.04 12.76
CA PHE A 206 11.71 0.50 13.98
C PHE A 206 10.20 0.37 13.98
N ILE A 207 9.67 -0.52 13.15
CA ILE A 207 8.23 -0.78 13.13
C ILE A 207 7.87 -1.62 14.34
N GLY A 208 6.86 -1.19 15.08
CA GLY A 208 6.57 -1.75 16.39
C GLY A 208 5.63 -2.95 16.40
N TYR A 209 5.69 -3.78 15.36
CA TYR A 209 4.90 -4.99 15.26
C TYR A 209 5.80 -6.06 14.67
N PRO A 210 5.58 -7.33 14.99
CA PRO A 210 6.42 -8.38 14.40
C PRO A 210 6.18 -8.51 12.90
N ILE A 211 7.28 -8.53 12.15
CA ILE A 211 7.29 -8.71 10.71
C ILE A 211 7.89 -10.07 10.45
N THR A 212 7.08 -10.99 9.97
CA THR A 212 7.53 -12.36 9.72
C THR A 212 7.67 -12.57 8.23
N LEU A 213 8.87 -12.87 7.78
CA LEU A 213 9.13 -13.23 6.40
C LEU A 213 8.97 -14.73 6.23
N PHE A 214 7.94 -15.14 5.50
CA PHE A 214 7.69 -16.54 5.26
C PHE A 214 8.71 -17.07 4.27
N VAL A 215 9.05 -18.35 4.38
CA VAL A 215 9.95 -18.98 3.41
C VAL A 215 9.15 -19.92 2.52
N GLU A 216 9.76 -20.32 1.41
CA GLU A 216 9.08 -21.16 0.45
C GLU A 216 9.68 -22.57 0.40
N LYS A 217 8.82 -23.54 0.06
CA LYS A 217 9.25 -24.93 -0.13
C LYS A 217 10.46 -25.05 -1.04
C1 A1AXR B . 6.97 6.63 -6.85
C10 A1AXR B . 7.42 13.56 -10.69
C11 A1AXR B . 8.04 13.01 -13.07
C12 A1AXR B . 9.23 13.95 -13.20
C2 A1AXR B . 7.07 7.88 -7.67
C3 A1AXR B . 6.40 9.04 -7.30
C4 A1AXR B . 6.50 10.20 -8.04
C5 A1AXR B . 7.29 10.24 -9.19
C6 A1AXR B . 7.99 9.09 -9.56
C7 A1AXR B . 7.87 7.93 -8.80
C8 A1AXR B . 7.40 11.47 -9.98
C9 A1AXR B . 7.20 12.80 -9.58
N1 A1AXR B . 7.72 12.70 -11.69
N2 A1AXR B . 7.72 11.42 -11.28
O1 A1AXR B . 8.98 15.17 -13.26
O2 A1AXR B . 10.36 13.43 -13.25
#